data_4WEY
#
_entry.id   4WEY
#
_cell.length_a   123.886
_cell.length_b   47.168
_cell.length_c   62.240
_cell.angle_alpha   90.00
_cell.angle_beta   96.31
_cell.angle_gamma   90.00
#
_symmetry.space_group_name_H-M   'C 1 2 1'
#
loop_
_entity.id
_entity.type
_entity.pdbx_description
1 polymer 'Thiol:disulfide interchange protein'
2 non-polymer 1,2-ETHANEDIOL
3 non-polymer N-({4-methyl-2-[4-(trifluoromethyl)phenyl]-1,3-thiazol-5-yl}carbonyl)-L-serine
4 water water
#
_entity_poly.entity_id   1
_entity_poly.type   'polypeptide(L)'
_entity_poly.pdbx_seq_one_letter_code
;AQYEDGKQYTTLEKPVAGAPQVLEFFSFFCPHCYQFEEVLHISDNVKKKLPEGVKMTKYHVNFMGGDLGKDLTQAWAVAM
ALGVEDKVTVPLFEGVQKTQTIRSASDIRDVFINAGIKGEEYDAAWNSFVVKSLVAQQEKAAADVQLRGVPAMFVNGKYQ
LNPQGMDTSNMDVFVQQYADTVKYLSEKK
;
_entity_poly.pdbx_strand_id   A,B
#
# COMPACT_ATOMS: atom_id res chain seq x y z
N ALA A 1 11.66 -18.19 20.20
CA ALA A 1 12.36 -17.88 18.96
C ALA A 1 13.86 -18.05 19.12
N GLN A 2 14.51 -18.51 18.06
CA GLN A 2 15.97 -18.56 18.02
C GLN A 2 16.46 -17.30 17.32
N TYR A 3 16.86 -16.30 18.08
CA TYR A 3 17.30 -15.05 17.47
C TYR A 3 18.68 -15.20 16.87
N GLU A 4 18.83 -14.69 15.67
CA GLU A 4 20.08 -14.79 14.93
C GLU A 4 20.27 -13.52 14.12
N ASP A 5 21.45 -12.96 14.20
CA ASP A 5 21.83 -11.84 13.37
C ASP A 5 21.73 -12.23 11.90
N GLY A 6 21.00 -11.42 11.13
CA GLY A 6 20.76 -11.70 9.74
C GLY A 6 19.36 -12.24 9.54
N LYS A 7 18.75 -12.73 10.61
CA LYS A 7 17.42 -13.30 10.50
C LYS A 7 16.35 -12.29 10.92
N GLN A 8 16.15 -12.12 12.23
CA GLN A 8 15.14 -11.18 12.72
C GLN A 8 15.64 -9.73 12.77
N TYR A 9 16.95 -9.56 12.73
CA TYR A 9 17.56 -8.25 12.88
C TYR A 9 18.97 -8.25 12.29
N THR A 10 19.51 -7.08 12.03
CA THR A 10 20.92 -6.96 11.68
C THR A 10 21.56 -6.00 12.64
N THR A 11 22.88 -5.93 12.61
CA THR A 11 23.64 -5.12 13.56
C THR A 11 24.44 -4.05 12.81
N LEU A 12 24.29 -2.79 13.22
CA LEU A 12 25.01 -1.70 12.56
C LEU A 12 26.52 -1.80 12.75
N GLU A 13 27.26 -1.44 11.70
CA GLU A 13 28.71 -1.49 11.75
C GLU A 13 29.24 -0.45 12.73
N LYS A 14 28.63 0.75 12.69
CA LYS A 14 29.03 1.84 13.58
C LYS A 14 27.84 2.37 14.38
N PRO A 15 27.59 1.77 15.55
CA PRO A 15 26.48 2.20 16.42
C PRO A 15 26.47 3.69 16.71
N VAL A 16 25.26 4.25 16.77
CA VAL A 16 25.02 5.68 16.93
C VAL A 16 24.87 6.03 18.40
N ALA A 17 25.63 7.02 18.87
CA ALA A 17 25.57 7.42 20.27
C ALA A 17 24.43 8.41 20.53
N GLY A 18 23.80 8.28 21.69
CA GLY A 18 22.70 9.16 22.04
C GLY A 18 21.45 8.92 21.22
N ALA A 19 21.36 7.74 20.61
CA ALA A 19 20.20 7.39 19.80
C ALA A 19 18.98 7.10 20.69
N PRO A 20 17.77 7.38 20.17
CA PRO A 20 16.54 6.99 20.87
C PRO A 20 16.56 5.49 21.11
N GLN A 21 15.90 5.01 22.17
N GLN A 21 15.88 5.02 22.16
CA GLN A 21 15.87 3.58 22.45
CA GLN A 21 15.86 3.61 22.47
C GLN A 21 15.21 2.86 21.29
C GLN A 21 15.16 2.84 21.36
N VAL A 22 14.05 3.37 20.86
CA VAL A 22 13.35 2.79 19.70
C VAL A 22 13.09 3.91 18.71
N LEU A 23 13.64 3.77 17.50
CA LEU A 23 13.56 4.78 16.44
C LEU A 23 13.00 4.19 15.16
N GLU A 24 11.84 4.69 14.74
CA GLU A 24 11.19 4.27 13.51
C GLU A 24 11.32 5.33 12.44
N PHE A 25 11.58 4.91 11.22
CA PHE A 25 11.52 5.81 10.07
C PHE A 25 10.44 5.36 9.11
N PHE A 26 9.74 6.32 8.50
CA PHE A 26 8.69 6.00 7.55
C PHE A 26 8.56 7.10 6.51
N SER A 27 7.74 6.87 5.49
CA SER A 27 7.36 7.90 4.52
C SER A 27 5.88 7.74 4.27
N PHE A 28 5.16 8.84 4.10
CA PHE A 28 3.75 8.75 3.75
C PHE A 28 3.58 8.27 2.33
N PHE A 29 4.67 8.16 1.56
CA PHE A 29 4.61 7.57 0.19
C PHE A 29 4.90 6.06 0.15
N CYS A 30 5.36 5.52 1.27
CA CYS A 30 5.86 4.15 1.41
C CYS A 30 4.69 3.16 1.56
N PRO A 31 4.51 2.24 0.60
CA PRO A 31 3.38 1.32 0.70
C PRO A 31 3.40 0.42 1.95
N HIS A 32 4.57 -0.09 2.30
CA HIS A 32 4.62 -0.95 3.49
C HIS A 32 4.36 -0.12 4.74
N CYS A 33 4.72 1.17 4.72
CA CYS A 33 4.50 2.05 5.86
C CYS A 33 2.99 2.25 6.07
N TYR A 34 2.26 2.34 4.96
CA TYR A 34 0.81 2.43 5.00
C TYR A 34 0.25 1.20 5.73
N GLN A 35 0.72 0.02 5.33
CA GLN A 35 0.31 -1.24 5.96
C GLN A 35 0.73 -1.30 7.42
N PHE A 36 1.97 -0.92 7.73
CA PHE A 36 2.43 -0.87 9.12
C PHE A 36 1.55 0.01 10.02
N GLU A 37 1.00 1.07 9.44
CA GLU A 37 0.11 1.96 10.17
C GLU A 37 -1.34 1.46 10.23
N GLU A 38 -1.96 1.17 9.09
CA GLU A 38 -3.42 0.96 9.12
C GLU A 38 -3.88 -0.45 9.40
N VAL A 39 -3.07 -1.44 9.02
CA VAL A 39 -3.46 -2.85 9.09
C VAL A 39 -2.73 -3.60 10.20
N LEU A 40 -1.45 -3.28 10.40
CA LEU A 40 -0.64 -4.03 11.35
C LEU A 40 -0.45 -3.29 12.66
N HIS A 41 -0.55 -1.97 12.60
CA HIS A 41 -0.39 -1.15 13.80
C HIS A 41 0.91 -1.49 14.53
N ILE A 42 2.00 -1.52 13.78
CA ILE A 42 3.28 -1.94 14.34
C ILE A 42 3.71 -1.10 15.56
N SER A 43 3.62 0.21 15.46
CA SER A 43 4.09 1.03 16.58
C SER A 43 3.29 0.78 17.86
N ASP A 44 1.98 0.70 17.75
CA ASP A 44 1.18 0.39 18.92
C ASP A 44 1.50 -0.96 19.53
N ASN A 45 1.74 -1.96 18.70
CA ASN A 45 1.99 -3.28 19.25
C ASN A 45 3.40 -3.41 19.83
N VAL A 46 4.34 -2.67 19.27
CA VAL A 46 5.66 -2.62 19.88
C VAL A 46 5.57 -1.92 21.23
N LYS A 47 4.84 -0.81 21.27
CA LYS A 47 4.65 -0.06 22.51
C LYS A 47 4.06 -0.92 23.62
N LYS A 48 3.05 -1.70 23.26
CA LYS A 48 2.38 -2.58 24.20
C LYS A 48 3.33 -3.62 24.79
N LYS A 49 4.26 -4.11 23.98
CA LYS A 49 5.17 -5.17 24.40
C LYS A 49 6.30 -4.65 25.27
N LEU A 50 6.66 -3.40 25.08
CA LEU A 50 7.77 -2.79 25.82
C LEU A 50 7.34 -2.25 27.18
N PRO A 51 8.30 -2.14 28.11
CA PRO A 51 8.05 -1.49 29.41
C PRO A 51 7.51 -0.07 29.24
N GLU A 52 6.76 0.41 30.22
CA GLU A 52 6.11 1.72 30.12
C GLU A 52 7.10 2.89 29.92
N GLY A 53 8.33 2.72 30.40
CA GLY A 53 9.32 3.78 30.35
C GLY A 53 10.18 3.87 29.09
N VAL A 54 9.85 3.09 28.05
CA VAL A 54 10.64 3.10 26.84
C VAL A 54 10.18 4.18 25.87
N LYS A 55 11.09 5.05 25.44
CA LYS A 55 10.74 6.10 24.50
C LYS A 55 10.75 5.57 23.09
N MET A 56 9.64 5.78 22.38
CA MET A 56 9.57 5.50 20.96
C MET A 56 9.52 6.80 20.17
N THR A 57 10.34 6.85 19.13
CA THR A 57 10.47 8.01 18.27
C THR A 57 10.20 7.59 16.84
N LYS A 58 9.51 8.44 16.08
CA LYS A 58 9.15 8.14 14.71
C LYS A 58 9.43 9.36 13.83
N TYR A 59 10.26 9.17 12.83
CA TYR A 59 10.69 10.27 11.94
C TYR A 59 10.31 9.96 10.48
N HIS A 60 9.98 11.01 9.75
CA HIS A 60 9.66 10.92 8.33
C HIS A 60 10.93 11.11 7.49
N VAL A 61 10.98 10.50 6.31
CA VAL A 61 12.13 10.60 5.45
C VAL A 61 11.84 11.29 4.12
N ASN A 62 12.92 11.77 3.50
CA ASN A 62 12.84 12.64 2.34
C ASN A 62 12.78 11.94 1.00
N PHE A 63 13.29 10.71 0.93
CA PHE A 63 13.66 10.12 -0.34
C PHE A 63 12.55 9.35 -1.06
N MET A 64 11.32 9.47 -0.57
CA MET A 64 10.13 9.10 -1.36
C MET A 64 9.38 10.41 -1.71
N GLY A 65 8.83 10.49 -2.92
CA GLY A 65 7.83 11.52 -3.22
C GLY A 65 8.16 12.90 -3.77
N GLY A 66 9.37 13.11 -4.30
CA GLY A 66 9.73 14.40 -4.86
C GLY A 66 9.58 15.58 -3.91
N ASP A 67 9.24 16.75 -4.47
CA ASP A 67 9.07 17.96 -3.67
C ASP A 67 8.05 17.77 -2.55
N LEU A 68 6.98 17.05 -2.83
CA LEU A 68 5.97 16.82 -1.82
C LEU A 68 6.55 16.00 -0.68
N GLY A 69 7.50 15.13 -1.00
CA GLY A 69 8.20 14.34 0.01
C GLY A 69 8.87 15.21 1.08
N LYS A 70 9.59 16.23 0.64
CA LYS A 70 10.24 17.19 1.54
C LYS A 70 9.19 17.92 2.38
N ASP A 71 8.09 18.31 1.73
CA ASP A 71 7.02 19.01 2.42
C ASP A 71 6.41 18.12 3.52
N LEU A 72 6.29 16.81 3.23
CA LEU A 72 5.74 15.91 4.23
C LEU A 72 6.67 15.71 5.42
N THR A 73 7.98 15.77 5.18
CA THR A 73 8.89 15.73 6.32
C THR A 73 8.72 16.98 7.21
N GLN A 74 8.51 18.13 6.57
CA GLN A 74 8.27 19.37 7.30
C GLN A 74 6.92 19.31 8.01
N ALA A 75 5.92 18.72 7.35
CA ALA A 75 4.63 18.59 7.99
C ALA A 75 4.70 17.65 9.17
N TRP A 76 5.54 16.60 9.08
CA TRP A 76 5.66 15.66 10.19
C TRP A 76 6.37 16.37 11.34
N ALA A 77 7.33 17.23 11.03
CA ALA A 77 7.93 18.09 12.06
C ALA A 77 6.86 18.96 12.74
N VAL A 78 5.97 19.55 11.94
CA VAL A 78 4.85 20.29 12.53
C VAL A 78 4.03 19.41 13.47
N ALA A 79 3.68 18.22 13.00
CA ALA A 79 2.91 17.31 13.81
C ALA A 79 3.61 16.98 15.13
N MET A 80 4.92 16.73 15.08
CA MET A 80 5.67 16.45 16.31
C MET A 80 5.69 17.67 17.22
N ALA A 81 5.89 18.84 16.64
CA ALA A 81 5.95 20.08 17.43
C ALA A 81 4.62 20.39 18.13
N LEU A 82 3.51 20.07 17.47
CA LEU A 82 2.19 20.36 18.03
C LEU A 82 1.64 19.19 18.81
N GLY A 83 2.29 18.04 18.70
CA GLY A 83 1.83 16.81 19.35
C GLY A 83 0.54 16.25 18.77
N VAL A 84 0.37 16.37 17.46
CA VAL A 84 -0.86 15.92 16.80
C VAL A 84 -0.61 14.82 15.80
N GLU A 85 0.49 14.08 15.97
CA GLU A 85 0.78 12.93 15.11
C GLU A 85 -0.40 12.02 14.91
N ASP A 86 -1.08 11.66 16.00
CA ASP A 86 -2.16 10.68 15.89
C ASP A 86 -3.38 11.26 15.21
N LYS A 87 -3.46 12.58 15.09
CA LYS A 87 -4.58 13.22 14.39
C LYS A 87 -4.40 13.25 12.89
N VAL A 88 -3.16 13.28 12.43
CA VAL A 88 -2.91 13.47 11.01
C VAL A 88 -2.33 12.26 10.26
N THR A 89 -1.84 11.26 10.98
CA THR A 89 -1.19 10.14 10.30
C THR A 89 -2.12 9.46 9.27
N VAL A 90 -3.35 9.12 9.67
CA VAL A 90 -4.22 8.40 8.73
C VAL A 90 -4.62 9.32 7.55
N PRO A 91 -5.11 10.55 7.80
CA PRO A 91 -5.51 11.33 6.60
C PRO A 91 -4.32 11.70 5.69
N LEU A 92 -3.10 11.80 6.22
CA LEU A 92 -1.95 12.02 5.35
C LEU A 92 -1.65 10.75 4.52
N PHE A 93 -1.63 9.58 5.18
CA PHE A 93 -1.42 8.35 4.41
C PHE A 93 -2.48 8.18 3.34
N GLU A 94 -3.73 8.35 3.72
CA GLU A 94 -4.80 8.12 2.75
C GLU A 94 -4.81 9.20 1.65
N GLY A 95 -4.49 10.44 2.01
CA GLY A 95 -4.46 11.51 1.02
C GLY A 95 -3.37 11.30 -0.01
N VAL A 96 -2.24 10.75 0.42
CA VAL A 96 -1.17 10.43 -0.52
C VAL A 96 -1.46 9.15 -1.32
N GLN A 97 -1.75 8.05 -0.64
CA GLN A 97 -1.74 6.75 -1.32
C GLN A 97 -3.12 6.25 -1.73
N LYS A 98 -4.16 6.60 -0.99
CA LYS A 98 -5.47 6.01 -1.28
C LYS A 98 -6.26 6.86 -2.25
N THR A 99 -6.49 8.11 -1.87
CA THR A 99 -7.31 8.99 -2.72
C THR A 99 -6.46 9.85 -3.66
N GLN A 100 -5.17 10.01 -3.34
CA GLN A 100 -4.21 10.79 -4.14
C GLN A 100 -4.69 12.22 -4.29
N THR A 101 -5.28 12.74 -3.21
CA THR A 101 -5.72 14.12 -3.17
C THR A 101 -4.68 15.06 -2.57
N ILE A 102 -3.61 14.51 -2.01
CA ILE A 102 -2.52 15.35 -1.53
C ILE A 102 -1.50 15.50 -2.66
N ARG A 103 -1.49 16.69 -3.26
CA ARG A 103 -0.63 17.00 -4.40
C ARG A 103 0.35 18.14 -4.14
N SER A 104 0.08 18.95 -3.11
CA SER A 104 0.94 20.08 -2.78
C SER A 104 0.87 20.42 -1.30
N ALA A 105 1.71 21.34 -0.88
CA ALA A 105 1.74 21.77 0.53
C ALA A 105 0.38 22.29 0.99
N SER A 106 -0.35 22.95 0.09
N SER A 106 -0.37 22.93 0.09
CA SER A 106 -1.68 23.43 0.43
CA SER A 106 -1.68 23.45 0.45
C SER A 106 -2.59 22.28 0.84
C SER A 106 -2.64 22.30 0.80
N ASP A 107 -2.50 21.14 0.14
CA ASP A 107 -3.33 20.00 0.45
C ASP A 107 -2.95 19.40 1.81
N ILE A 108 -1.67 19.48 2.13
CA ILE A 108 -1.21 19.01 3.44
C ILE A 108 -1.81 19.92 4.53
N ARG A 109 -1.71 21.24 4.34
CA ARG A 109 -2.37 22.18 5.22
C ARG A 109 -3.85 21.88 5.46
N ASP A 110 -4.60 21.57 4.39
CA ASP A 110 -6.02 21.26 4.51
C ASP A 110 -6.25 20.05 5.40
N VAL A 111 -5.35 19.07 5.32
CA VAL A 111 -5.49 17.89 6.17
C VAL A 111 -5.37 18.30 7.64
N PHE A 112 -4.40 19.14 7.96
CA PHE A 112 -4.26 19.54 9.35
C PHE A 112 -5.48 20.34 9.83
N ILE A 113 -5.99 21.25 8.99
CA ILE A 113 -7.18 22.05 9.32
C ILE A 113 -8.39 21.14 9.56
N ASN A 114 -8.54 20.13 8.74
CA ASN A 114 -9.69 19.23 8.88
C ASN A 114 -9.56 18.30 10.08
N ALA A 115 -8.34 18.08 10.53
CA ALA A 115 -8.09 17.32 11.75
C ALA A 115 -8.14 18.20 13.01
N GLY A 116 -8.60 19.44 12.87
CA GLY A 116 -8.83 20.30 14.01
C GLY A 116 -7.71 21.23 14.41
N ILE A 117 -6.59 21.18 13.68
CA ILE A 117 -5.51 22.13 13.95
C ILE A 117 -5.90 23.48 13.38
N LYS A 118 -5.86 24.51 14.21
CA LYS A 118 -6.19 25.85 13.73
C LYS A 118 -5.18 26.30 12.68
N GLY A 119 -5.68 26.86 11.58
CA GLY A 119 -4.84 27.29 10.48
C GLY A 119 -3.72 28.24 10.86
N GLU A 120 -4.03 29.21 11.72
CA GLU A 120 -3.01 30.14 12.21
C GLU A 120 -1.90 29.39 12.96
N GLU A 121 -2.29 28.37 13.72
CA GLU A 121 -1.34 27.59 14.50
C GLU A 121 -0.48 26.75 13.56
N TYR A 122 -1.10 26.20 12.53
CA TYR A 122 -0.36 25.40 11.56
C TYR A 122 0.71 26.25 10.86
N ASP A 123 0.29 27.41 10.36
CA ASP A 123 1.20 28.30 9.65
C ASP A 123 2.37 28.75 10.54
N ALA A 124 2.08 29.09 11.79
CA ALA A 124 3.11 29.56 12.71
C ALA A 124 4.12 28.43 12.91
N ALA A 125 3.62 27.21 13.06
CA ALA A 125 4.50 26.09 13.26
C ALA A 125 5.30 25.80 11.99
N TRP A 126 4.62 25.78 10.85
CA TRP A 126 5.26 25.48 9.57
C TRP A 126 6.51 26.34 9.35
N ASN A 127 6.43 27.61 9.77
CA ASN A 127 7.49 28.56 9.53
C ASN A 127 8.46 28.70 10.67
N SER A 128 8.27 27.90 11.72
CA SER A 128 9.05 28.10 12.95
C SER A 128 10.42 27.47 12.88
N PHE A 129 11.32 28.01 13.68
CA PHE A 129 12.65 27.44 13.76
C PHE A 129 12.68 26.17 14.64
N VAL A 130 11.72 26.03 15.55
CA VAL A 130 11.51 24.71 16.19
C VAL A 130 11.26 23.63 15.14
N VAL A 131 10.41 23.92 14.18
CA VAL A 131 10.09 22.93 13.15
C VAL A 131 11.30 22.74 12.22
N LYS A 132 12.01 23.83 11.93
CA LYS A 132 13.20 23.72 11.08
C LYS A 132 14.23 22.80 11.74
N SER A 133 14.35 22.91 13.06
CA SER A 133 15.28 22.08 13.78
C SER A 133 14.84 20.61 13.81
N LEU A 134 13.54 20.36 13.94
CA LEU A 134 13.02 19.00 13.85
C LEU A 134 13.24 18.41 12.45
N VAL A 135 13.19 19.23 11.40
CA VAL A 135 13.45 18.73 10.05
C VAL A 135 14.92 18.28 9.99
N ALA A 136 15.81 19.12 10.52
CA ALA A 136 17.23 18.80 10.54
C ALA A 136 17.49 17.55 11.40
N GLN A 137 16.76 17.41 12.51
CA GLN A 137 16.93 16.25 13.39
C GLN A 137 16.53 14.95 12.68
N GLN A 138 15.44 15.00 11.93
CA GLN A 138 15.01 13.81 11.19
C GLN A 138 16.05 13.40 10.14
N GLU A 139 16.56 14.36 9.40
CA GLU A 139 17.54 14.09 8.37
C GLU A 139 18.83 13.56 8.97
N LYS A 140 19.28 14.17 10.07
CA LYS A 140 20.52 13.72 10.68
C LYS A 140 20.38 12.30 11.22
N ALA A 141 19.25 12.00 11.87
CA ALA A 141 19.03 10.68 12.40
C ALA A 141 19.12 9.63 11.31
N ALA A 142 18.52 9.91 10.15
CA ALA A 142 18.55 9.00 9.02
C ALA A 142 20.00 8.84 8.54
N ALA A 143 20.72 9.95 8.44
CA ALA A 143 22.11 9.89 8.02
C ALA A 143 22.93 9.05 8.98
N ASP A 144 22.65 9.16 10.28
CA ASP A 144 23.50 8.52 11.27
C ASP A 144 23.40 6.98 11.23
N VAL A 145 22.26 6.45 10.82
CA VAL A 145 22.08 5.00 10.71
C VAL A 145 22.22 4.54 9.26
N GLN A 146 22.76 5.43 8.43
CA GLN A 146 22.88 5.23 6.98
C GLN A 146 21.62 4.64 6.38
N LEU A 147 20.49 5.32 6.59
CA LEU A 147 19.19 4.78 6.19
C LEU A 147 19.03 4.70 4.67
N ARG A 148 18.56 3.53 4.20
CA ARG A 148 18.46 3.29 2.76
C ARG A 148 17.01 3.08 2.28
N GLY A 149 16.08 2.90 3.22
CA GLY A 149 14.70 2.63 2.85
C GLY A 149 13.85 2.58 4.07
N VAL A 150 12.53 2.59 3.84
CA VAL A 150 11.54 2.50 4.89
C VAL A 150 10.54 1.40 4.54
N PRO A 151 9.80 0.89 5.54
CA PRO A 151 9.93 1.24 6.97
C PRO A 151 11.22 0.71 7.54
N ALA A 152 11.67 1.34 8.62
CA ALA A 152 12.86 0.86 9.32
C ALA A 152 12.70 1.13 10.80
N MET A 153 13.23 0.21 11.61
CA MET A 153 13.29 0.44 13.05
C MET A 153 14.65 0.04 13.59
N PHE A 154 15.15 0.91 14.47
CA PHE A 154 16.44 0.78 15.09
C PHE A 154 16.27 0.76 16.58
N VAL A 155 17.00 -0.13 17.24
CA VAL A 155 16.95 -0.23 18.69
C VAL A 155 18.30 0.15 19.32
N ASN A 156 18.27 1.18 20.17
CA ASN A 156 19.45 1.69 20.87
C ASN A 156 20.58 2.05 19.91
N GLY A 157 20.19 2.47 18.70
CA GLY A 157 21.14 2.85 17.66
C GLY A 157 22.12 1.77 17.26
N LYS A 158 21.81 0.52 17.58
CA LYS A 158 22.73 -0.58 17.34
C LYS A 158 22.13 -1.62 16.41
N TYR A 159 20.87 -1.95 16.62
CA TYR A 159 20.24 -3.04 15.89
C TYR A 159 19.12 -2.55 15.00
N GLN A 160 19.04 -3.15 13.81
CA GLN A 160 18.00 -2.82 12.84
C GLN A 160 17.05 -3.99 12.63
N LEU A 161 15.75 -3.77 12.76
CA LEU A 161 14.79 -4.85 12.56
C LEU A 161 14.89 -5.35 11.11
N ASN A 162 14.71 -6.66 10.93
CA ASN A 162 14.67 -7.25 9.59
C ASN A 162 13.37 -7.98 9.33
N PRO A 163 12.30 -7.26 8.96
CA PRO A 163 10.99 -7.89 8.78
C PRO A 163 10.97 -8.94 7.66
N GLN A 164 11.86 -8.78 6.69
CA GLN A 164 12.04 -9.73 5.59
C GLN A 164 12.25 -11.17 6.05
N GLY A 165 12.84 -11.32 7.24
CA GLY A 165 13.18 -12.63 7.75
C GLY A 165 12.11 -13.23 8.64
N MET A 166 10.97 -12.56 8.69
CA MET A 166 9.90 -12.94 9.61
C MET A 166 8.77 -13.63 8.84
N ASP A 167 7.86 -14.20 9.59
N ASP A 167 7.87 -14.28 9.55
CA ASP A 167 6.72 -14.91 9.03
CA ASP A 167 6.81 -15.07 8.90
C ASP A 167 5.74 -13.93 8.40
C ASP A 167 5.62 -14.18 8.51
N THR A 168 5.20 -14.28 7.24
CA THR A 168 4.25 -13.38 6.59
C THR A 168 2.99 -14.10 6.14
N SER A 169 2.74 -15.25 6.73
N SER A 169 2.72 -15.24 6.74
CA SER A 169 1.52 -16.01 6.44
CA SER A 169 1.52 -16.01 6.41
C SER A 169 0.33 -15.46 7.19
C SER A 169 0.31 -15.55 7.23
N ASN A 170 0.58 -14.98 8.40
CA ASN A 170 -0.45 -14.46 9.30
C ASN A 170 -0.05 -13.08 9.79
N MET A 171 -0.93 -12.09 9.64
CA MET A 171 -0.57 -10.70 9.99
C MET A 171 -0.21 -10.57 11.46
N ASP A 172 -0.99 -11.20 12.29
CA ASP A 172 -0.78 -11.07 13.74
C ASP A 172 0.46 -11.84 14.21
N VAL A 173 0.78 -12.95 13.55
CA VAL A 173 2.04 -13.62 13.84
C VAL A 173 3.23 -12.76 13.43
N PHE A 174 3.15 -12.13 12.26
CA PHE A 174 4.18 -11.18 11.85
C PHE A 174 4.40 -10.09 12.90
N VAL A 175 3.29 -9.49 13.35
CA VAL A 175 3.36 -8.39 14.33
C VAL A 175 3.96 -8.90 15.64
N GLN A 176 3.57 -10.10 16.06
CA GLN A 176 4.10 -10.69 17.29
C GLN A 176 5.60 -10.94 17.16
N GLN A 177 6.03 -11.45 16.01
CA GLN A 177 7.47 -11.72 15.84
C GLN A 177 8.28 -10.43 15.80
N TYR A 178 7.72 -9.42 15.14
CA TYR A 178 8.33 -8.08 15.06
C TYR A 178 8.44 -7.46 16.45
N ALA A 179 7.34 -7.43 17.20
CA ALA A 179 7.36 -6.80 18.52
C ALA A 179 8.27 -7.57 19.46
N ASP A 180 8.18 -8.89 19.43
CA ASP A 180 9.04 -9.71 20.29
C ASP A 180 10.51 -9.54 19.94
N THR A 181 10.81 -9.29 18.68
CA THR A 181 12.20 -9.01 18.31
C THR A 181 12.63 -7.67 18.92
N VAL A 182 11.77 -6.66 18.87
CA VAL A 182 12.12 -5.38 19.46
C VAL A 182 12.41 -5.54 20.95
N LYS A 183 11.57 -6.33 21.64
N LYS A 183 11.59 -6.34 21.65
CA LYS A 183 11.78 -6.53 23.06
CA LYS A 183 11.78 -6.52 23.08
C LYS A 183 13.08 -7.26 23.35
C LYS A 183 13.07 -7.29 23.38
N TYR A 184 13.36 -8.32 22.60
CA TYR A 184 14.63 -9.04 22.70
C TYR A 184 15.84 -8.10 22.57
N LEU A 185 15.81 -7.25 21.53
CA LEU A 185 16.90 -6.33 21.27
C LEU A 185 17.02 -5.25 22.33
N SER A 186 15.89 -4.81 22.89
CA SER A 186 15.88 -3.69 23.82
C SER A 186 16.62 -4.00 25.11
N GLU A 187 16.57 -5.27 25.51
CA GLU A 187 17.23 -5.70 26.74
C GLU A 187 18.51 -6.48 26.44
N LYS A 188 18.95 -6.41 25.19
CA LYS A 188 20.23 -7.01 24.79
C LYS A 188 21.39 -6.28 25.45
N ALA B 1 -12.22 14.89 -25.70
CA ALA B 1 -10.97 14.18 -25.59
C ALA B 1 -10.29 13.97 -26.93
N GLN B 2 -8.98 14.20 -26.95
CA GLN B 2 -8.14 14.00 -28.12
C GLN B 2 -7.04 13.04 -27.72
N TYR B 3 -7.07 11.84 -28.29
CA TYR B 3 -6.18 10.78 -27.80
C TYR B 3 -4.81 10.85 -28.43
N GLU B 4 -3.79 10.68 -27.59
N GLU B 4 -3.80 10.62 -27.60
CA GLU B 4 -2.41 10.69 -28.04
CA GLU B 4 -2.42 10.69 -28.05
C GLU B 4 -1.61 9.69 -27.24
C GLU B 4 -1.57 9.72 -27.23
N ASP B 5 -0.72 8.98 -27.92
CA ASP B 5 0.22 8.08 -27.27
C ASP B 5 1.05 8.91 -26.30
N GLY B 6 1.17 8.45 -25.06
CA GLY B 6 1.89 9.21 -24.06
C GLY B 6 1.00 10.07 -23.19
N LYS B 7 -0.25 10.27 -23.61
CA LYS B 7 -1.16 11.12 -22.87
C LYS B 7 -2.07 10.25 -21.98
N GLN B 8 -3.18 9.79 -22.53
CA GLN B 8 -4.12 8.97 -21.76
C GLN B 8 -3.65 7.53 -21.62
N TYR B 9 -2.65 7.15 -22.42
CA TYR B 9 -2.16 5.79 -22.42
C TYR B 9 -0.72 5.81 -22.92
N THR B 10 -0.02 4.70 -22.69
CA THR B 10 1.30 4.49 -23.27
C THR B 10 1.28 3.16 -24.05
N THR B 11 2.28 2.97 -24.91
CA THR B 11 2.32 1.79 -25.77
C THR B 11 3.49 0.89 -25.37
N LEU B 12 3.18 -0.37 -25.07
CA LEU B 12 4.21 -1.31 -24.64
C LEU B 12 5.23 -1.51 -25.74
N GLU B 13 6.50 -1.50 -25.36
CA GLU B 13 7.59 -1.73 -26.28
C GLU B 13 7.57 -3.19 -26.76
N LYS B 14 7.11 -4.09 -25.90
CA LYS B 14 6.99 -5.49 -26.24
C LYS B 14 5.53 -5.94 -26.09
N PRO B 15 4.76 -5.91 -27.18
CA PRO B 15 3.35 -6.32 -27.12
C PRO B 15 3.16 -7.78 -26.72
N VAL B 16 2.06 -8.07 -26.04
CA VAL B 16 1.78 -9.41 -25.54
C VAL B 16 0.75 -10.12 -26.43
N ALA B 17 1.16 -11.17 -27.13
CA ALA B 17 0.23 -11.95 -27.95
C ALA B 17 -0.77 -12.74 -27.11
N GLY B 18 -2.01 -12.81 -27.57
CA GLY B 18 -3.04 -13.59 -26.90
C GLY B 18 -3.46 -13.05 -25.55
N ALA B 19 -3.11 -11.81 -25.27
CA ALA B 19 -3.54 -11.18 -24.04
C ALA B 19 -5.05 -11.01 -24.00
N PRO B 20 -5.64 -10.97 -22.78
CA PRO B 20 -7.05 -10.62 -22.67
C PRO B 20 -7.29 -9.25 -23.34
N GLN B 21 -8.49 -9.04 -23.86
CA GLN B 21 -8.82 -7.79 -24.52
C GLN B 21 -8.61 -6.60 -23.57
N VAL B 22 -9.11 -6.74 -22.34
CA VAL B 22 -8.92 -5.70 -21.33
C VAL B 22 -8.47 -6.41 -20.06
N LEU B 23 -7.29 -6.02 -19.56
CA LEU B 23 -6.67 -6.74 -18.45
C LEU B 23 -6.31 -5.78 -17.34
N GLU B 24 -6.93 -5.97 -16.18
CA GLU B 24 -6.72 -5.12 -15.02
C GLU B 24 -5.92 -5.90 -14.00
N PHE B 25 -4.99 -5.22 -13.33
CA PHE B 25 -4.28 -5.82 -12.21
C PHE B 25 -4.57 -5.06 -10.92
N PHE B 26 -4.60 -5.79 -9.81
CA PHE B 26 -4.83 -5.20 -8.49
C PHE B 26 -4.28 -6.07 -7.37
N SER B 27 -4.26 -5.52 -6.16
CA SER B 27 -4.00 -6.29 -4.96
C SER B 27 -4.99 -5.87 -3.90
N PHE B 28 -5.45 -6.83 -3.11
CA PHE B 28 -6.34 -6.53 -2.00
C PHE B 28 -5.65 -5.72 -0.88
N PHE B 29 -4.32 -5.65 -0.89
CA PHE B 29 -3.58 -4.81 0.08
C PHE B 29 -3.45 -3.36 -0.36
N CYS B 30 -3.70 -3.10 -1.63
CA CYS B 30 -3.33 -1.84 -2.29
C CYS B 30 -4.40 -0.78 -2.05
N PRO B 31 -4.08 0.31 -1.32
CA PRO B 31 -5.14 1.27 -0.99
C PRO B 31 -5.68 1.98 -2.22
N HIS B 32 -4.85 2.27 -3.22
CA HIS B 32 -5.40 2.90 -4.41
C HIS B 32 -6.24 1.91 -5.22
N CYS B 33 -5.97 0.62 -5.05
CA CYS B 33 -6.79 -0.41 -5.69
C CYS B 33 -8.16 -0.45 -5.02
N TYR B 34 -8.17 -0.32 -3.70
CA TYR B 34 -9.41 -0.19 -2.97
C TYR B 34 -10.19 1.03 -3.49
N GLN B 35 -9.49 2.16 -3.61
CA GLN B 35 -10.09 3.34 -4.17
C GLN B 35 -10.72 3.07 -5.54
N PHE B 36 -9.93 2.49 -6.45
CA PHE B 36 -10.41 2.16 -7.80
C PHE B 36 -11.67 1.32 -7.76
N GLU B 37 -11.66 0.27 -6.97
CA GLU B 37 -12.73 -0.71 -7.07
C GLU B 37 -13.89 -0.38 -6.17
N GLU B 38 -13.61 -0.06 -4.91
CA GLU B 38 -14.65 0.09 -3.92
C GLU B 38 -15.28 1.46 -3.90
N VAL B 39 -14.57 2.47 -4.41
CA VAL B 39 -15.05 3.84 -4.36
C VAL B 39 -15.40 4.41 -5.75
N LEU B 40 -14.46 4.28 -6.68
CA LEU B 40 -14.65 4.78 -8.04
C LEU B 40 -15.41 3.81 -8.95
N HIS B 41 -15.35 2.52 -8.60
CA HIS B 41 -15.91 1.45 -9.43
C HIS B 41 -15.37 1.47 -10.87
N ILE B 42 -14.04 1.52 -11.00
CA ILE B 42 -13.42 1.62 -12.31
C ILE B 42 -13.77 0.44 -13.22
N SER B 43 -13.61 -0.79 -12.73
CA SER B 43 -13.94 -1.98 -13.54
C SER B 43 -15.34 -1.92 -14.10
N ASP B 44 -16.31 -1.62 -13.22
N ASP B 44 -16.29 -1.55 -13.24
CA ASP B 44 -17.70 -1.52 -13.62
CA ASP B 44 -17.69 -1.55 -13.62
C ASP B 44 -17.91 -0.44 -14.67
C ASP B 44 -18.00 -0.41 -14.59
N ASN B 45 -17.35 0.73 -14.41
CA ASN B 45 -17.57 1.85 -15.29
C ASN B 45 -16.93 1.64 -16.65
N VAL B 46 -15.80 0.95 -16.69
CA VAL B 46 -15.17 0.56 -17.94
C VAL B 46 -16.06 -0.44 -18.70
N LYS B 47 -16.51 -1.45 -17.98
CA LYS B 47 -17.37 -2.50 -18.52
C LYS B 47 -18.62 -1.90 -19.20
N LYS B 48 -19.24 -0.94 -18.53
CA LYS B 48 -20.47 -0.33 -19.03
C LYS B 48 -20.29 0.42 -20.35
N LYS B 49 -19.06 0.85 -20.64
CA LYS B 49 -18.81 1.60 -21.86
C LYS B 49 -18.15 0.76 -22.93
N LEU B 50 -17.80 -0.47 -22.60
CA LEU B 50 -17.09 -1.31 -23.55
C LEU B 50 -18.03 -1.79 -24.62
N PRO B 51 -17.51 -1.90 -25.86
CA PRO B 51 -18.31 -2.45 -26.95
C PRO B 51 -18.78 -3.84 -26.56
N GLU B 52 -19.99 -4.21 -26.98
CA GLU B 52 -20.51 -5.55 -26.71
C GLU B 52 -19.51 -6.59 -27.20
N GLY B 53 -19.34 -7.66 -26.43
CA GLY B 53 -18.44 -8.74 -26.83
C GLY B 53 -17.03 -8.61 -26.27
N VAL B 54 -16.70 -7.44 -25.77
CA VAL B 54 -15.37 -7.22 -25.19
C VAL B 54 -15.42 -7.60 -23.70
N LYS B 55 -14.67 -8.64 -23.33
CA LYS B 55 -14.65 -9.16 -21.97
C LYS B 55 -13.56 -8.49 -21.14
N MET B 56 -13.80 -8.37 -19.85
CA MET B 56 -12.82 -7.79 -18.95
C MET B 56 -12.20 -8.89 -18.10
N THR B 57 -10.91 -8.78 -17.89
CA THR B 57 -10.17 -9.74 -17.10
C THR B 57 -9.49 -8.98 -15.97
N LYS B 58 -9.47 -9.57 -14.77
CA LYS B 58 -8.85 -8.94 -13.59
C LYS B 58 -8.04 -9.99 -12.86
N TYR B 59 -6.77 -9.66 -12.66
CA TYR B 59 -5.81 -10.53 -11.99
C TYR B 59 -5.26 -9.89 -10.74
N HIS B 60 -4.99 -10.71 -9.75
CA HIS B 60 -4.38 -10.29 -8.49
C HIS B 60 -2.88 -10.44 -8.56
N VAL B 61 -2.17 -9.55 -7.87
CA VAL B 61 -0.72 -9.60 -7.83
C VAL B 61 -0.22 -9.52 -6.40
N ASN B 62 1.03 -9.89 -6.20
CA ASN B 62 1.58 -9.77 -4.85
C ASN B 62 2.86 -8.93 -4.75
N PHE B 63 2.71 -7.62 -4.49
CA PHE B 63 3.86 -6.74 -4.32
C PHE B 63 4.21 -6.55 -2.85
N MET B 64 3.18 -6.41 -2.03
CA MET B 64 3.38 -6.13 -0.62
C MET B 64 3.37 -7.38 0.25
N GLY B 65 2.35 -8.21 0.04
CA GLY B 65 1.86 -9.11 1.07
C GLY B 65 2.51 -10.42 1.48
N GLY B 66 3.74 -10.73 1.07
CA GLY B 66 4.37 -12.00 1.46
C GLY B 66 3.54 -13.27 1.20
N ASP B 67 3.60 -14.24 2.12
CA ASP B 67 2.81 -15.46 1.98
C ASP B 67 1.29 -15.19 1.96
N LEU B 68 0.82 -14.25 2.77
CA LEU B 68 -0.61 -13.95 2.78
C LEU B 68 -1.01 -13.38 1.41
N GLY B 69 -0.13 -12.58 0.84
CA GLY B 69 -0.35 -12.07 -0.52
C GLY B 69 -0.52 -13.19 -1.53
N LYS B 70 0.32 -14.22 -1.44
CA LYS B 70 0.19 -15.42 -2.29
C LYS B 70 -1.13 -16.08 -2.05
N ASP B 71 -1.56 -16.14 -0.78
CA ASP B 71 -2.85 -16.76 -0.45
C ASP B 71 -4.00 -15.99 -1.13
N LEU B 72 -3.89 -14.67 -1.08
CA LEU B 72 -4.88 -13.82 -1.73
C LEU B 72 -4.90 -14.05 -3.24
N THR B 73 -3.74 -14.21 -3.86
CA THR B 73 -3.71 -14.46 -5.31
C THR B 73 -4.35 -15.81 -5.62
N GLN B 74 -4.09 -16.80 -4.77
CA GLN B 74 -4.71 -18.12 -4.97
C GLN B 74 -6.23 -18.06 -4.70
N ALA B 75 -6.65 -17.29 -3.70
CA ALA B 75 -8.06 -17.11 -3.43
C ALA B 75 -8.75 -16.40 -4.58
N TRP B 76 -8.05 -15.43 -5.21
CA TRP B 76 -8.64 -14.75 -6.37
C TRP B 76 -8.79 -15.72 -7.55
N ALA B 77 -7.83 -16.63 -7.71
CA ALA B 77 -7.95 -17.70 -8.68
C ALA B 77 -9.20 -18.56 -8.38
N VAL B 78 -9.44 -18.85 -7.11
CA VAL B 78 -10.64 -19.59 -6.73
C VAL B 78 -11.89 -18.77 -7.12
N ALA B 79 -11.89 -17.47 -6.86
CA ALA B 79 -13.03 -16.62 -7.22
C ALA B 79 -13.28 -16.66 -8.73
N MET B 80 -12.20 -16.56 -9.51
CA MET B 80 -12.32 -16.69 -10.97
C MET B 80 -12.84 -18.06 -11.38
N ALA B 81 -12.26 -19.12 -10.80
CA ALA B 81 -12.67 -20.49 -11.15
C ALA B 81 -14.14 -20.74 -10.86
N LEU B 82 -14.65 -20.17 -9.77
CA LEU B 82 -16.03 -20.36 -9.34
C LEU B 82 -17.00 -19.32 -9.91
N GLY B 83 -16.47 -18.27 -10.52
CA GLY B 83 -17.27 -17.18 -11.04
C GLY B 83 -17.97 -16.38 -9.97
N VAL B 84 -17.28 -16.19 -8.86
CA VAL B 84 -17.88 -15.48 -7.72
C VAL B 84 -17.14 -14.19 -7.39
N GLU B 85 -16.48 -13.62 -8.39
CA GLU B 85 -15.75 -12.34 -8.18
C GLU B 85 -16.67 -11.27 -7.63
N ASP B 86 -17.89 -11.22 -8.14
CA ASP B 86 -18.82 -10.14 -7.77
C ASP B 86 -19.44 -10.35 -6.40
N LYS B 87 -19.13 -11.48 -5.76
CA LYS B 87 -19.59 -11.76 -4.41
C LYS B 87 -18.52 -11.57 -3.36
N VAL B 88 -17.26 -11.75 -3.74
CA VAL B 88 -16.21 -11.71 -2.73
C VAL B 88 -15.27 -10.51 -2.80
N THR B 89 -15.31 -9.73 -3.88
CA THR B 89 -14.39 -8.58 -3.98
C THR B 89 -14.60 -7.59 -2.82
N VAL B 90 -15.85 -7.29 -2.50
CA VAL B 90 -16.13 -6.31 -1.45
C VAL B 90 -15.71 -6.81 -0.07
N PRO B 91 -16.15 -8.01 0.33
CA PRO B 91 -15.75 -8.42 1.68
C PRO B 91 -14.25 -8.70 1.79
N LEU B 92 -13.58 -9.04 0.69
CA LEU B 92 -12.11 -9.22 0.77
C LEU B 92 -11.44 -7.85 0.94
N PHE B 93 -11.82 -6.85 0.14
CA PHE B 93 -11.22 -5.52 0.35
C PHE B 93 -11.52 -4.97 1.74
N GLU B 94 -12.76 -5.11 2.20
CA GLU B 94 -13.13 -4.54 3.50
C GLU B 94 -12.40 -5.27 4.61
N GLY B 95 -12.33 -6.59 4.48
CA GLY B 95 -11.74 -7.42 5.51
C GLY B 95 -10.25 -7.21 5.63
N VAL B 96 -9.56 -6.99 4.51
CA VAL B 96 -8.13 -6.72 4.58
C VAL B 96 -7.89 -5.30 5.09
N GLN B 97 -8.55 -4.32 4.46
CA GLN B 97 -8.13 -2.92 4.67
C GLN B 97 -8.92 -2.13 5.69
N LYS B 98 -10.16 -2.52 5.94
CA LYS B 98 -10.99 -1.68 6.78
C LYS B 98 -11.34 -2.30 8.14
N THR B 99 -11.87 -3.52 8.17
CA THR B 99 -12.25 -4.12 9.44
C THR B 99 -11.13 -4.96 10.05
N GLN B 100 -10.10 -5.21 9.23
CA GLN B 100 -8.92 -5.96 9.63
C GLN B 100 -9.33 -7.27 10.28
N THR B 101 -10.28 -7.94 9.62
CA THR B 101 -10.72 -9.24 10.03
C THR B 101 -10.05 -10.32 9.20
N ILE B 102 -9.40 -9.94 8.09
CA ILE B 102 -8.69 -10.91 7.26
C ILE B 102 -7.20 -10.83 7.60
N ARG B 103 -6.70 -11.85 8.31
CA ARG B 103 -5.32 -11.85 8.81
C ARG B 103 -4.55 -13.04 8.30
N SER B 104 -5.26 -13.99 7.70
CA SER B 104 -4.70 -15.26 7.25
C SER B 104 -5.60 -15.92 6.23
N ALA B 105 -5.10 -16.99 5.64
CA ALA B 105 -5.85 -17.74 4.64
C ALA B 105 -7.18 -18.28 5.19
N SER B 106 -7.19 -18.64 6.47
N SER B 106 -7.20 -18.65 6.46
CA SER B 106 -8.41 -19.18 7.06
CA SER B 106 -8.42 -19.18 7.07
C SER B 106 -9.52 -18.12 7.07
C SER B 106 -9.52 -18.12 7.07
N ASP B 107 -9.14 -16.86 7.29
CA ASP B 107 -10.12 -15.75 7.22
C ASP B 107 -10.62 -15.50 5.80
N ILE B 108 -9.76 -15.73 4.82
CA ILE B 108 -10.16 -15.58 3.42
C ILE B 108 -11.23 -16.64 3.14
N ARG B 109 -10.95 -17.87 3.54
CA ARG B 109 -11.88 -18.99 3.35
C ARG B 109 -13.24 -18.67 3.98
N ASP B 110 -13.21 -18.11 5.19
CA ASP B 110 -14.43 -17.75 5.89
C ASP B 110 -15.26 -16.73 5.08
N VAL B 111 -14.60 -15.79 4.42
CA VAL B 111 -15.33 -14.87 3.54
C VAL B 111 -16.09 -15.58 2.41
N PHE B 112 -15.43 -16.52 1.74
CA PHE B 112 -16.10 -17.30 0.68
C PHE B 112 -17.30 -18.07 1.26
N ILE B 113 -17.10 -18.69 2.43
CA ILE B 113 -18.16 -19.49 3.04
C ILE B 113 -19.35 -18.61 3.39
N ASN B 114 -19.05 -17.42 3.88
CA ASN B 114 -20.10 -16.49 4.26
C ASN B 114 -20.82 -15.92 3.05
N ALA B 115 -20.13 -15.90 1.91
CA ALA B 115 -20.69 -15.44 0.64
C ALA B 115 -21.49 -16.53 -0.06
N GLY B 116 -21.49 -17.74 0.49
CA GLY B 116 -22.34 -18.80 -0.03
C GLY B 116 -21.61 -19.93 -0.71
N ILE B 117 -20.28 -19.89 -0.69
CA ILE B 117 -19.47 -20.96 -1.26
C ILE B 117 -19.17 -21.96 -0.13
N LYS B 118 -19.72 -23.17 -0.21
CA LYS B 118 -19.50 -24.15 0.84
C LYS B 118 -18.00 -24.44 1.04
N GLY B 119 -17.60 -24.68 2.28
CA GLY B 119 -16.20 -24.92 2.59
C GLY B 119 -15.54 -26.02 1.79
N GLU B 120 -16.25 -27.12 1.56
CA GLU B 120 -15.69 -28.24 0.79
C GLU B 120 -15.53 -27.85 -0.69
N GLU B 121 -16.42 -27.00 -1.19
CA GLU B 121 -16.30 -26.53 -2.56
C GLU B 121 -15.11 -25.56 -2.71
N TYR B 122 -14.99 -24.62 -1.77
CA TYR B 122 -13.85 -23.73 -1.75
C TYR B 122 -12.54 -24.55 -1.71
N ASP B 123 -12.49 -25.56 -0.84
CA ASP B 123 -11.27 -26.34 -0.72
C ASP B 123 -10.99 -27.15 -1.98
N ALA B 124 -12.02 -27.72 -2.58
CA ALA B 124 -11.81 -28.44 -3.83
C ALA B 124 -11.26 -27.51 -4.91
N ALA B 125 -11.80 -26.31 -5.00
CA ALA B 125 -11.29 -25.37 -5.98
C ALA B 125 -9.85 -24.94 -5.60
N TRP B 126 -9.62 -24.65 -4.33
CA TRP B 126 -8.31 -24.22 -3.84
C TRP B 126 -7.21 -25.21 -4.27
N ASN B 127 -7.51 -26.51 -4.17
CA ASN B 127 -6.53 -27.53 -4.49
C ASN B 127 -6.58 -28.07 -5.92
N SER B 128 -7.39 -27.43 -6.77
CA SER B 128 -7.58 -27.90 -8.13
C SER B 128 -6.45 -27.53 -9.06
N PHE B 129 -6.26 -28.32 -10.10
CA PHE B 129 -5.35 -27.93 -11.17
C PHE B 129 -5.78 -26.65 -11.88
N VAL B 130 -7.08 -26.46 -12.05
CA VAL B 130 -7.59 -25.21 -12.63
C VAL B 130 -7.07 -23.98 -11.87
N VAL B 131 -7.12 -24.05 -10.55
CA VAL B 131 -6.69 -22.91 -9.74
C VAL B 131 -5.17 -22.80 -9.77
N LYS B 132 -4.45 -23.92 -9.70
CA LYS B 132 -3.00 -23.87 -9.85
C LYS B 132 -2.59 -23.17 -11.16
N SER B 133 -3.31 -23.50 -12.24
CA SER B 133 -3.05 -22.90 -13.55
C SER B 133 -3.40 -21.40 -13.59
N LEU B 134 -4.51 -21.02 -12.96
CA LEU B 134 -4.90 -19.62 -12.87
C LEU B 134 -3.89 -18.81 -12.07
N VAL B 135 -3.28 -19.44 -11.06
CA VAL B 135 -2.25 -18.72 -10.31
C VAL B 135 -1.07 -18.44 -11.23
N ALA B 136 -0.63 -19.44 -11.98
CA ALA B 136 0.46 -19.30 -12.94
C ALA B 136 0.14 -18.24 -14.00
N GLN B 137 -1.12 -18.22 -14.44
CA GLN B 137 -1.57 -17.28 -15.46
C GLN B 137 -1.52 -15.84 -14.98
N GLN B 138 -1.91 -15.60 -13.73
CA GLN B 138 -1.86 -14.25 -13.18
C GLN B 138 -0.42 -13.78 -13.11
N GLU B 139 0.46 -14.65 -12.63
CA GLU B 139 1.89 -14.31 -12.50
C GLU B 139 2.50 -14.05 -13.86
N LYS B 140 2.19 -14.92 -14.82
CA LYS B 140 2.80 -14.80 -16.13
C LYS B 140 2.34 -13.51 -16.82
N ALA B 141 1.06 -13.18 -16.67
CA ALA B 141 0.55 -11.96 -17.30
C ALA B 141 1.23 -10.71 -16.74
N ALA B 142 1.45 -10.68 -15.44
CA ALA B 142 2.16 -9.56 -14.82
C ALA B 142 3.56 -9.47 -15.35
N ALA B 143 4.22 -10.62 -15.50
CA ALA B 143 5.57 -10.64 -16.03
C ALA B 143 5.60 -10.15 -17.49
N ASP B 144 4.59 -10.54 -18.27
CA ASP B 144 4.56 -10.24 -19.70
C ASP B 144 4.48 -8.72 -19.97
N VAL B 145 3.70 -8.01 -19.16
CA VAL B 145 3.50 -6.57 -19.38
C VAL B 145 4.49 -5.76 -18.58
N GLN B 146 5.44 -6.48 -17.97
CA GLN B 146 6.47 -5.88 -17.12
C GLN B 146 5.81 -4.98 -16.05
N LEU B 147 4.89 -5.59 -15.30
CA LEU B 147 4.07 -4.85 -14.34
C LEU B 147 4.92 -4.26 -13.22
N ARG B 148 4.81 -2.94 -13.05
CA ARG B 148 5.59 -2.21 -12.05
C ARG B 148 4.83 -1.95 -10.75
N GLY B 149 3.54 -1.77 -10.86
CA GLY B 149 2.71 -1.46 -9.72
C GLY B 149 1.25 -1.62 -10.08
N VAL B 150 0.42 -1.51 -9.05
CA VAL B 150 -1.02 -1.55 -9.20
C VAL B 150 -1.65 -0.32 -8.57
N PRO B 151 -2.87 0.05 -8.98
CA PRO B 151 -3.65 -0.57 -10.08
C PRO B 151 -3.04 -0.32 -11.46
N ALA B 152 -3.44 -1.18 -12.41
CA ALA B 152 -2.97 -1.03 -13.80
C ALA B 152 -4.00 -1.65 -14.73
N MET B 153 -4.08 -1.15 -15.96
CA MET B 153 -4.95 -1.74 -16.98
C MET B 153 -4.28 -1.70 -18.34
N PHE B 154 -4.46 -2.79 -19.08
CA PHE B 154 -3.87 -2.98 -20.39
C PHE B 154 -4.93 -3.39 -21.38
N VAL B 155 -4.83 -2.85 -22.59
CA VAL B 155 -5.77 -3.17 -23.65
C VAL B 155 -5.04 -3.87 -24.77
N ASN B 156 -5.56 -5.06 -25.10
CA ASN B 156 -5.12 -5.91 -26.20
C ASN B 156 -3.62 -6.21 -26.15
N GLY B 157 -3.10 -6.24 -24.93
CA GLY B 157 -1.69 -6.52 -24.72
C GLY B 157 -0.78 -5.47 -25.34
N LYS B 158 -1.32 -4.30 -25.66
CA LYS B 158 -0.56 -3.33 -26.45
C LYS B 158 -0.44 -1.99 -25.75
N TYR B 159 -1.51 -1.58 -25.08
CA TYR B 159 -1.64 -0.24 -24.54
C TYR B 159 -1.85 -0.28 -23.03
N GLN B 160 -1.17 0.62 -22.31
CA GLN B 160 -1.24 0.73 -20.86
C GLN B 160 -1.97 2.01 -20.48
N LEU B 161 -3.03 1.92 -19.68
CA LEU B 161 -3.73 3.12 -19.24
C LEU B 161 -2.77 4.02 -18.47
N ASN B 162 -2.91 5.32 -18.67
CA ASN B 162 -2.06 6.31 -18.00
C ASN B 162 -2.93 7.35 -17.27
N PRO B 163 -3.36 7.02 -16.06
CA PRO B 163 -4.28 7.92 -15.34
C PRO B 163 -3.63 9.19 -14.82
N GLN B 164 -2.31 9.32 -14.87
N GLN B 164 -2.30 9.26 -14.81
CA GLN B 164 -1.64 10.38 -14.10
CA GLN B 164 -1.60 10.37 -14.18
C GLN B 164 -1.92 11.87 -14.41
C GLN B 164 -1.96 11.71 -14.76
N GLY B 165 -2.21 12.33 -15.65
N GLY B 165 -2.14 11.76 -16.08
CA GLY B 165 -2.52 11.55 -16.84
CA GLY B 165 -2.43 13.02 -16.73
C GLY B 165 -3.90 11.97 -17.33
C GLY B 165 -3.91 13.33 -16.77
N MET B 166 -4.73 12.37 -16.36
CA MET B 166 -6.17 12.55 -16.54
C MET B 166 -6.74 13.51 -15.52
N ASP B 167 -7.94 14.00 -15.81
CA ASP B 167 -8.56 15.05 -15.00
C ASP B 167 -8.99 14.45 -13.67
N THR B 168 -8.36 14.91 -12.60
CA THR B 168 -8.64 14.40 -11.25
C THR B 168 -9.20 15.46 -10.31
N SER B 169 -9.77 16.53 -10.88
CA SER B 169 -10.30 17.60 -10.05
C SER B 169 -11.64 17.18 -9.46
N ASN B 170 -12.04 15.95 -9.78
CA ASN B 170 -13.39 15.49 -9.62
C ASN B 170 -13.36 14.00 -9.90
N MET B 171 -13.72 13.20 -8.90
N MET B 171 -13.72 13.18 -8.93
CA MET B 171 -13.69 11.74 -9.00
CA MET B 171 -13.59 11.74 -9.13
C MET B 171 -14.55 11.24 -10.15
C MET B 171 -14.56 11.21 -10.18
N ASP B 172 -15.73 11.83 -10.31
CA ASP B 172 -16.66 11.43 -11.37
C ASP B 172 -16.08 11.67 -12.78
N VAL B 173 -15.43 12.81 -12.98
CA VAL B 173 -14.86 13.11 -14.30
C VAL B 173 -13.66 12.21 -14.58
N PHE B 174 -12.88 11.88 -13.54
CA PHE B 174 -11.77 10.96 -13.70
C PHE B 174 -12.26 9.62 -14.21
N VAL B 175 -13.33 9.11 -13.60
CA VAL B 175 -13.84 7.82 -14.02
C VAL B 175 -14.27 7.85 -15.49
N GLN B 176 -14.93 8.93 -15.89
CA GLN B 176 -15.38 9.08 -17.26
CA GLN B 176 -15.38 9.09 -17.26
C GLN B 176 -14.18 9.10 -18.22
N GLN B 177 -13.18 9.92 -17.90
CA GLN B 177 -12.01 9.99 -18.74
C GLN B 177 -11.30 8.66 -18.90
N TYR B 178 -11.21 7.92 -17.78
CA TYR B 178 -10.57 6.63 -17.77
C TYR B 178 -11.36 5.61 -18.61
N ALA B 179 -12.66 5.49 -18.36
CA ALA B 179 -13.48 4.52 -19.08
C ALA B 179 -13.53 4.85 -20.57
N ASP B 180 -13.63 6.13 -20.92
CA ASP B 180 -13.64 6.53 -22.32
C ASP B 180 -12.34 6.15 -23.01
N THR B 181 -11.23 6.21 -22.27
CA THR B 181 -9.94 5.85 -22.87
C THR B 181 -9.90 4.37 -23.21
N VAL B 182 -10.36 3.53 -22.29
CA VAL B 182 -10.40 2.09 -22.54
C VAL B 182 -11.27 1.81 -23.75
N LYS B 183 -12.43 2.46 -23.82
CA LYS B 183 -13.34 2.27 -24.96
C LYS B 183 -12.62 2.64 -26.26
N TYR B 184 -12.00 3.82 -26.28
CA TYR B 184 -11.21 4.22 -27.41
C TYR B 184 -10.15 3.18 -27.83
N LEU B 185 -9.37 2.69 -26.88
CA LEU B 185 -8.27 1.77 -27.21
C LEU B 185 -8.80 0.42 -27.71
N SER B 186 -9.93 0.01 -27.15
CA SER B 186 -10.56 -1.24 -27.55
C SER B 186 -11.00 -1.17 -29.01
N GLU B 187 -11.30 0.04 -29.49
CA GLU B 187 -11.83 0.25 -30.84
C GLU B 187 -10.73 0.40 -31.87
N LYS B 188 -9.50 0.45 -31.38
CA LYS B 188 -8.35 0.85 -32.20
C LYS B 188 -7.91 -0.25 -33.16
#